data_8CD9
#
_entry.id   8CD9
#
_cell.length_a   33.062
_cell.length_b   78.870
_cell.length_c   90.139
_cell.angle_alpha   90.000
_cell.angle_beta   90.000
_cell.angle_gamma   90.000
#
_symmetry.space_group_name_H-M   'P 21 21 21'
#
loop_
_entity.id
_entity.type
_entity.pdbx_description
1 polymer 'Cathepsin B-like peptidase (C01 family)'
2 non-polymer '[(2~{S})-1-[[(2~{S})-1-[[(2~{S})-5-[(2~{S})-3-methoxy-5-oxidanylidene-2-(phenylmethyl)-2~{H}-pyrrol-1-yl]-5-oxidanylidene-pentan-2-yl]amino]-4-methyl-1-oxidanylidene-pentan-2-yl]amino]-4-methyl-1-oxidanylidene-pentan-2-yl] (2~{S})-2-(dimethylamino)-3-phenyl-propanoate'
3 non-polymer 1,2-ETHANEDIOL
4 non-polymer 'SODIUM ION'
5 water water
#
_entity_poly.entity_id   1
_entity_poly.type   'polypeptide(L)'
_entity_poly.pdbx_seq_one_letter_code
;VEIPSSFDSRKKWPRCKSIATIRDQSRCGSCWAFGAVEAMSDRSCIQSGGKQNVELSAVDLLSCCESCGLGCEGGILGPA
WDYWVKEGIVTGSSKENHAGCEPYPFPKCEHHTKGKYPPCGSKIYKTPRCKQTCQKKYKTPYTQDKHRGKSSYNVKNDEK
AIQKEIMKYGPVEAGFTVYEDFLNYKSGIYKHITGETLGGHAIRIIGWGVENKAPYWLIANSWNEDWGENGYFRIVRGRD
ECSIESEVTAGRIN
;
_entity_poly.pdbx_strand_id   AAA
#
# COMPACT_ATOMS: atom_id res chain seq x y z
N VAL A 1 -13.72 -18.67 12.23
CA VAL A 1 -12.40 -18.41 12.92
C VAL A 1 -12.62 -17.42 14.07
N GLU A 2 -12.00 -17.66 15.23
N GLU A 2 -11.91 -17.60 15.18
CA GLU A 2 -11.95 -16.63 16.29
CA GLU A 2 -11.89 -16.70 16.36
C GLU A 2 -10.94 -15.57 15.86
C GLU A 2 -10.87 -15.57 16.11
N ILE A 3 -11.36 -14.33 15.99
CA ILE A 3 -10.54 -13.13 15.67
C ILE A 3 -9.88 -12.71 16.96
N PRO A 4 -8.55 -12.59 17.00
CA PRO A 4 -7.87 -12.06 18.17
C PRO A 4 -8.20 -10.58 18.34
N SER A 5 -8.08 -10.07 19.57
CA SER A 5 -8.29 -8.63 19.90
C SER A 5 -7.27 -7.73 19.21
N SER A 6 -6.07 -8.23 18.92
CA SER A 6 -5.10 -7.51 18.06
C SER A 6 -4.40 -8.46 17.10
N PHE A 7 -3.89 -7.89 16.03
CA PHE A 7 -3.19 -8.64 14.98
C PHE A 7 -2.24 -7.71 14.28
N ASP A 8 -1.04 -8.19 14.06
CA ASP A 8 -0.03 -7.43 13.30
C ASP A 8 0.58 -8.37 12.26
N SER A 9 0.33 -8.12 10.98
CA SER A 9 0.95 -8.96 9.93
C SER A 9 2.48 -9.05 10.12
N ARG A 10 3.13 -7.99 10.60
CA ARG A 10 4.61 -7.99 10.73
C ARG A 10 5.06 -9.07 11.70
N LYS A 11 4.25 -9.37 12.69
CA LYS A 11 4.52 -10.36 13.74
C LYS A 11 4.12 -11.76 13.31
N LYS A 12 3.06 -11.94 12.52
CA LYS A 12 2.69 -13.29 12.04
C LYS A 12 3.69 -13.81 10.99
N TRP A 13 4.18 -12.94 10.11
CA TRP A 13 4.97 -13.36 8.93
C TRP A 13 6.27 -12.56 8.85
N PRO A 14 7.14 -12.66 9.89
CA PRO A 14 8.32 -11.81 9.96
C PRO A 14 9.37 -12.12 8.90
N ARG A 15 9.33 -13.31 8.28
CA ARG A 15 10.29 -13.60 7.19
C ARG A 15 9.97 -12.77 5.97
N CYS A 16 8.74 -12.25 5.87
CA CYS A 16 8.29 -11.49 4.68
C CYS A 16 8.63 -10.02 4.91
N LYS A 17 9.82 -9.64 4.45
CA LYS A 17 10.46 -8.33 4.75
C LYS A 17 9.63 -7.17 4.20
N SER A 18 8.88 -7.38 3.12
CA SER A 18 8.07 -6.30 2.53
C SER A 18 7.06 -5.81 3.57
N ILE A 19 6.59 -6.67 4.47
CA ILE A 19 5.41 -6.29 5.33
C ILE A 19 5.80 -5.11 6.23
N ALA A 20 7.06 -5.05 6.69
CA ALA A 20 7.54 -3.97 7.58
C ALA A 20 8.28 -2.88 6.78
N THR A 21 8.16 -2.84 5.47
CA THR A 21 8.84 -1.82 4.65
C THR A 21 7.84 -0.69 4.41
N ILE A 22 8.21 0.51 4.78
CA ILE A 22 7.44 1.75 4.44
C ILE A 22 8.06 2.41 3.20
N ARG A 23 7.23 2.68 2.22
CA ARG A 23 7.68 3.26 0.94
C ARG A 23 7.30 4.73 0.92
N ASP A 24 7.69 5.39 -0.14
CA ASP A 24 7.43 6.83 -0.36
C ASP A 24 6.99 6.99 -1.82
N GLN A 25 5.75 7.42 -2.04
CA GLN A 25 5.23 7.69 -3.41
C GLN A 25 5.83 8.99 -4.00
N SER A 26 6.52 9.78 -3.19
CA SER A 26 7.18 11.03 -3.66
C SER A 26 6.14 12.04 -4.21
N ARG A 27 6.51 12.86 -5.21
CA ARG A 27 5.65 13.99 -5.70
C ARG A 27 4.76 13.45 -6.83
N CYS A 28 3.87 12.55 -6.48
CA CYS A 28 3.10 11.69 -7.43
C CYS A 28 1.88 11.18 -6.66
N GLY A 29 0.72 11.18 -7.32
CA GLY A 29 -0.55 10.66 -6.81
C GLY A 29 -0.65 9.19 -7.04
N SER A 30 0.46 8.47 -6.82
CA SER A 30 0.58 7.02 -7.12
C SER A 30 0.19 6.16 -5.91
N CYS A 31 -0.45 6.74 -4.90
CA CYS A 31 -0.93 5.97 -3.72
C CYS A 31 -1.62 4.66 -4.15
N TRP A 32 -2.49 4.71 -5.14
CA TRP A 32 -3.24 3.53 -5.61
C TRP A 32 -2.26 2.40 -5.98
N ALA A 33 -1.12 2.76 -6.60
CA ALA A 33 -0.15 1.75 -7.10
C ALA A 33 0.74 1.27 -5.96
N PHE A 34 1.02 2.14 -4.98
CA PHE A 34 1.85 1.80 -3.80
C PHE A 34 1.09 0.83 -2.88
N GLY A 35 -0.15 1.12 -2.52
CA GLY A 35 -0.96 0.20 -1.68
C GLY A 35 -1.06 -1.14 -2.38
N ALA A 36 -1.19 -1.16 -3.71
CA ALA A 36 -1.27 -2.41 -4.51
C ALA A 36 0.05 -3.17 -4.43
N VAL A 37 1.16 -2.58 -4.89
CA VAL A 37 2.42 -3.37 -5.00
C VAL A 37 2.91 -3.78 -3.61
N GLU A 38 2.65 -2.98 -2.58
CA GLU A 38 3.00 -3.32 -1.17
C GLU A 38 2.22 -4.58 -0.76
N ALA A 39 0.89 -4.52 -0.85
CA ALA A 39 0.09 -5.69 -0.42
C ALA A 39 0.34 -6.90 -1.33
N MET A 40 0.62 -6.72 -2.61
CA MET A 40 0.95 -7.85 -3.51
C MET A 40 2.31 -8.47 -3.13
N SER A 41 3.28 -7.64 -2.79
CA SER A 41 4.61 -8.10 -2.32
C SER A 41 4.39 -8.96 -1.08
N ASP A 42 3.60 -8.45 -0.15
CA ASP A 42 3.36 -9.13 1.15
C ASP A 42 2.70 -10.48 0.85
N ARG A 43 1.60 -10.45 0.08
CA ARG A 43 0.80 -11.65 -0.16
C ARG A 43 1.56 -12.66 -1.00
N SER A 44 2.39 -12.21 -1.96
CA SER A 44 3.22 -13.13 -2.77
C SER A 44 4.14 -13.95 -1.85
N CYS A 45 4.73 -13.30 -0.86
CA CYS A 45 5.63 -13.92 0.13
C CYS A 45 4.85 -14.81 1.10
N ILE A 46 3.78 -14.28 1.67
CA ILE A 46 2.98 -15.03 2.66
C ILE A 46 2.40 -16.30 2.01
N GLN A 47 1.80 -16.18 0.82
CA GLN A 47 1.03 -17.29 0.21
C GLN A 47 1.96 -18.34 -0.43
N SER A 48 3.24 -17.99 -0.61
CA SER A 48 4.26 -18.91 -1.20
C SER A 48 5.18 -19.45 -0.09
N GLY A 49 4.79 -19.34 1.18
CA GLY A 49 5.60 -19.72 2.34
C GLY A 49 7.02 -19.13 2.29
N GLY A 50 7.19 -17.93 1.76
CA GLY A 50 8.48 -17.20 1.74
C GLY A 50 9.28 -17.46 0.49
N LYS A 51 8.76 -18.23 -0.46
CA LYS A 51 9.55 -18.56 -1.67
C LYS A 51 9.65 -17.30 -2.53
N GLN A 52 8.54 -16.60 -2.76
CA GLN A 52 8.51 -15.31 -3.52
C GLN A 52 8.71 -14.15 -2.54
N ASN A 53 9.96 -13.82 -2.19
CA ASN A 53 10.32 -12.79 -1.19
C ASN A 53 10.88 -11.60 -1.99
N VAL A 54 10.01 -10.72 -2.46
CA VAL A 54 10.44 -9.67 -3.43
C VAL A 54 9.75 -8.36 -3.08
N GLU A 55 10.30 -7.29 -3.62
N GLU A 55 10.29 -7.28 -3.62
CA GLU A 55 9.70 -5.94 -3.57
CA GLU A 55 9.72 -5.92 -3.57
C GLU A 55 9.21 -5.63 -4.98
C GLU A 55 9.21 -5.56 -4.97
N LEU A 56 7.89 -5.59 -5.18
CA LEU A 56 7.33 -5.34 -6.52
C LEU A 56 7.44 -3.86 -6.86
N SER A 57 7.64 -3.60 -8.14
CA SER A 57 7.90 -2.29 -8.77
C SER A 57 6.64 -1.42 -8.79
N ALA A 58 6.59 -0.35 -7.99
CA ALA A 58 5.51 0.67 -8.10
C ALA A 58 5.51 1.32 -9.48
N VAL A 59 6.66 1.59 -10.08
CA VAL A 59 6.72 2.34 -11.36
C VAL A 59 6.22 1.42 -12.50
N ASP A 60 6.45 0.12 -12.45
CA ASP A 60 5.95 -0.80 -13.50
C ASP A 60 4.40 -0.67 -13.54
N LEU A 61 3.74 -0.87 -12.42
CA LEU A 61 2.26 -0.78 -12.38
C LEU A 61 1.80 0.65 -12.74
N LEU A 62 2.36 1.66 -12.09
CA LEU A 62 2.01 3.08 -12.28
C LEU A 62 2.12 3.46 -13.76
N SER A 63 3.20 3.03 -14.44
CA SER A 63 3.54 3.54 -15.80
C SER A 63 2.87 2.69 -16.88
N CYS A 64 2.55 1.44 -16.59
CA CYS A 64 2.16 0.47 -17.64
C CYS A 64 0.67 0.12 -17.59
N CYS A 65 -0.04 0.30 -16.49
CA CYS A 65 -1.46 -0.17 -16.45
C CYS A 65 -2.37 0.82 -17.20
N GLU A 66 -2.94 0.39 -18.32
CA GLU A 66 -3.75 1.27 -19.22
C GLU A 66 -5.13 1.55 -18.65
N SER A 67 -5.60 0.77 -17.68
CA SER A 67 -7.01 0.70 -17.19
C SER A 67 -7.10 1.26 -15.77
N CYS A 68 -5.96 1.59 -15.15
CA CYS A 68 -5.87 1.94 -13.73
C CYS A 68 -6.15 3.43 -13.47
N GLY A 69 -6.27 4.28 -14.51
CA GLY A 69 -6.55 5.72 -14.30
C GLY A 69 -5.49 6.61 -14.92
N LEU A 70 -5.02 7.63 -14.19
CA LEU A 70 -4.22 8.78 -14.74
C LEU A 70 -2.79 8.80 -14.15
N GLY A 71 -2.22 7.64 -13.83
CA GLY A 71 -0.83 7.57 -13.33
C GLY A 71 -0.59 8.44 -12.12
N CYS A 72 0.35 9.38 -12.19
CA CYS A 72 0.64 10.32 -11.08
C CYS A 72 -0.57 11.23 -10.77
N GLU A 73 -1.61 11.25 -11.59
CA GLU A 73 -2.81 12.09 -11.28
C GLU A 73 -3.85 11.25 -10.52
N GLY A 74 -3.58 9.99 -10.22
CA GLY A 74 -4.51 9.20 -9.40
C GLY A 74 -5.03 8.00 -10.13
N GLY A 75 -5.57 7.03 -9.40
CA GLY A 75 -5.93 5.74 -10.00
C GLY A 75 -7.04 5.05 -9.25
N ILE A 76 -7.29 3.81 -9.66
CA ILE A 76 -8.46 2.94 -9.30
C ILE A 76 -7.91 1.59 -8.83
N LEU A 77 -8.43 1.01 -7.74
CA LEU A 77 -7.84 -0.23 -7.16
C LEU A 77 -8.13 -1.49 -7.97
N GLY A 78 -9.37 -1.72 -8.36
CA GLY A 78 -9.77 -2.97 -9.01
C GLY A 78 -8.85 -3.28 -10.18
N PRO A 79 -8.67 -2.35 -11.13
CA PRO A 79 -7.82 -2.60 -12.28
C PRO A 79 -6.35 -2.82 -11.92
N ALA A 80 -5.88 -2.24 -10.82
CA ALA A 80 -4.48 -2.50 -10.40
C ALA A 80 -4.30 -3.98 -10.05
N TRP A 81 -5.24 -4.57 -9.31
CA TRP A 81 -5.17 -5.99 -8.93
C TRP A 81 -5.42 -6.88 -10.16
N ASP A 82 -6.23 -6.44 -11.11
CA ASP A 82 -6.44 -7.19 -12.38
C ASP A 82 -5.16 -7.20 -13.21
N TYR A 83 -4.43 -6.08 -13.22
CA TYR A 83 -3.16 -5.97 -13.96
C TYR A 83 -2.16 -7.00 -13.40
N TRP A 84 -2.11 -7.11 -12.08
CA TRP A 84 -1.24 -8.07 -11.37
C TRP A 84 -1.62 -9.50 -11.76
N VAL A 85 -2.91 -9.79 -11.83
CA VAL A 85 -3.36 -11.14 -12.27
C VAL A 85 -2.98 -11.36 -13.74
N LYS A 86 -3.26 -10.42 -14.60
CA LYS A 86 -3.22 -10.65 -16.05
C LYS A 86 -1.80 -10.47 -16.59
N GLU A 87 -1.12 -9.37 -16.27
CA GLU A 87 0.22 -9.06 -16.89
C GLU A 87 1.32 -9.29 -15.87
N GLY A 88 1.01 -9.19 -14.60
CA GLY A 88 2.02 -9.27 -13.53
C GLY A 88 2.84 -8.01 -13.41
N ILE A 89 3.69 -7.98 -12.40
CA ILE A 89 4.47 -6.76 -12.04
C ILE A 89 5.91 -7.23 -11.77
N VAL A 90 6.89 -6.51 -12.31
CA VAL A 90 8.31 -6.84 -12.08
C VAL A 90 8.75 -6.33 -10.70
N THR A 91 10.00 -6.62 -10.37
CA THR A 91 10.57 -6.20 -9.06
C THR A 91 11.09 -4.78 -9.17
N GLY A 92 11.26 -4.13 -8.04
CA GLY A 92 11.90 -2.81 -8.00
C GLY A 92 11.73 -2.11 -6.69
N SER A 93 12.83 -1.61 -6.17
CA SER A 93 12.91 -1.03 -4.82
C SER A 93 12.67 0.49 -4.92
N SER A 94 12.94 1.19 -3.83
CA SER A 94 12.98 2.67 -3.79
C SER A 94 14.07 3.19 -4.72
N LYS A 95 14.04 4.49 -5.03
CA LYS A 95 15.09 5.17 -5.80
C LYS A 95 16.45 5.02 -5.09
N GLU A 96 16.50 5.20 -3.79
CA GLU A 96 17.80 5.20 -3.05
C GLU A 96 18.38 3.77 -2.97
N ASN A 97 17.57 2.74 -2.89
CA ASN A 97 18.06 1.33 -2.84
C ASN A 97 18.49 0.90 -4.26
N HIS A 98 17.87 1.48 -5.29
N HIS A 98 17.79 1.39 -5.28
CA HIS A 98 18.05 1.17 -6.74
CA HIS A 98 18.11 1.16 -6.71
C HIS A 98 18.33 -0.33 -6.95
C HIS A 98 18.32 -0.34 -6.97
N ALA A 99 17.45 -1.17 -6.41
CA ALA A 99 17.51 -2.64 -6.57
C ALA A 99 16.31 -3.15 -7.40
N GLY A 100 16.47 -4.34 -7.98
CA GLY A 100 15.40 -5.01 -8.75
C GLY A 100 15.36 -4.52 -10.19
N CYS A 101 14.35 -4.95 -10.91
CA CYS A 101 14.23 -4.66 -12.36
C CYS A 101 14.00 -3.16 -12.59
N GLU A 102 13.00 -2.59 -11.92
CA GLU A 102 12.55 -1.18 -12.14
C GLU A 102 12.31 -0.46 -10.82
N PRO A 103 13.39 0.08 -10.24
CA PRO A 103 13.29 0.87 -9.04
C PRO A 103 12.54 2.18 -9.31
N TYR A 104 11.97 2.73 -8.27
CA TYR A 104 11.17 3.97 -8.37
C TYR A 104 12.06 5.13 -8.79
N PRO A 105 11.61 5.96 -9.77
CA PRO A 105 12.43 7.06 -10.27
C PRO A 105 12.45 8.31 -9.37
N PHE A 106 11.62 8.37 -8.35
CA PHE A 106 11.34 9.64 -7.64
C PHE A 106 11.82 9.58 -6.19
N PRO A 107 12.43 10.68 -5.67
CA PRO A 107 13.07 10.67 -4.36
C PRO A 107 12.10 10.84 -3.18
N LYS A 108 12.53 10.48 -1.98
CA LYS A 108 11.70 10.66 -0.76
C LYS A 108 11.51 12.16 -0.51
N CYS A 109 10.34 12.52 -0.04
CA CYS A 109 9.99 13.93 0.28
C CYS A 109 8.98 13.93 1.45
N GLU A 110 8.85 15.01 2.19
CA GLU A 110 7.93 15.10 3.34
C GLU A 110 6.54 15.49 2.84
N HIS A 111 5.55 14.73 3.24
CA HIS A 111 4.14 14.90 2.85
C HIS A 111 3.44 15.68 3.95
N HIS A 112 3.52 17.02 3.91
N HIS A 112 3.52 17.02 3.92
CA HIS A 112 2.86 17.94 4.87
CA HIS A 112 2.81 17.91 4.87
C HIS A 112 3.17 17.53 6.32
C HIS A 112 3.17 17.54 6.32
N THR A 113 4.46 17.35 6.62
CA THR A 113 4.93 16.99 7.97
C THR A 113 6.40 17.37 8.08
N LYS A 114 6.93 17.42 9.29
CA LYS A 114 8.34 17.86 9.50
C LYS A 114 9.27 16.65 9.45
N GLY A 115 10.48 16.83 8.95
CA GLY A 115 11.47 15.74 9.06
C GLY A 115 12.68 16.01 8.24
N LYS A 116 13.39 14.97 7.83
CA LYS A 116 14.78 15.08 7.34
C LYS A 116 14.80 15.02 5.82
N TYR A 117 13.66 14.82 5.15
CA TYR A 117 13.62 14.88 3.67
C TYR A 117 13.15 16.25 3.18
N PRO A 118 13.47 16.63 1.94
CA PRO A 118 12.91 17.85 1.34
C PRO A 118 11.39 17.76 1.30
N PRO A 119 10.70 18.90 1.48
CA PRO A 119 9.24 18.94 1.35
C PRO A 119 8.80 18.48 -0.03
N CYS A 120 7.73 17.69 -0.08
CA CYS A 120 7.12 17.29 -1.37
C CYS A 120 6.68 18.55 -2.14
N GLY A 121 6.06 19.49 -1.45
CA GLY A 121 5.46 20.67 -2.12
C GLY A 121 4.21 20.30 -2.89
N SER A 122 3.70 21.22 -3.72
CA SER A 122 2.36 21.09 -4.36
C SER A 122 2.44 20.62 -5.83
N LYS A 123 3.62 20.53 -6.43
CA LYS A 123 3.74 20.18 -7.87
C LYS A 123 4.02 18.67 -8.00
N ILE A 124 3.37 17.98 -8.91
CA ILE A 124 3.62 16.53 -9.12
C ILE A 124 4.43 16.32 -10.40
N TYR A 125 5.19 15.24 -10.43
CA TYR A 125 5.93 14.80 -11.63
C TYR A 125 4.97 14.32 -12.69
N LYS A 126 5.43 14.33 -13.93
CA LYS A 126 4.74 13.63 -15.03
C LYS A 126 4.80 12.13 -14.76
N THR A 127 3.76 11.41 -15.11
CA THR A 127 3.79 9.94 -15.05
C THR A 127 4.96 9.41 -15.88
N PRO A 128 5.81 8.52 -15.33
CA PRO A 128 6.89 7.92 -16.11
C PRO A 128 6.33 7.09 -17.26
N ARG A 129 7.10 6.96 -18.32
CA ARG A 129 6.69 6.11 -19.46
C ARG A 129 6.88 4.63 -19.08
N CYS A 130 6.10 3.78 -19.71
CA CYS A 130 6.16 2.32 -19.56
C CYS A 130 7.40 1.82 -20.33
N LYS A 131 8.55 1.62 -19.67
CA LYS A 131 9.84 1.39 -20.39
C LYS A 131 10.11 -0.11 -20.64
N GLN A 132 9.57 -0.99 -19.80
CA GLN A 132 9.64 -2.46 -20.02
C GLN A 132 11.10 -2.90 -20.15
N THR A 133 11.97 -2.32 -19.32
CA THR A 133 13.44 -2.55 -19.43
C THR A 133 14.01 -2.58 -18.03
N CYS A 134 14.67 -3.66 -17.66
CA CYS A 134 15.33 -3.78 -16.34
C CYS A 134 16.56 -2.89 -16.34
N GLN A 135 16.91 -2.34 -15.17
CA GLN A 135 18.17 -1.56 -15.03
C GLN A 135 19.34 -2.46 -15.49
N LYS A 136 20.38 -1.83 -16.01
CA LYS A 136 21.54 -2.51 -16.63
C LYS A 136 22.11 -3.57 -15.67
N LYS A 137 22.18 -3.34 -14.36
CA LYS A 137 22.89 -4.28 -13.43
C LYS A 137 22.01 -5.51 -13.15
N TYR A 138 20.74 -5.47 -13.52
CA TYR A 138 19.81 -6.56 -13.19
C TYR A 138 19.79 -7.54 -14.37
N LYS A 139 19.98 -8.82 -14.10
CA LYS A 139 20.31 -9.74 -15.22
C LYS A 139 19.14 -10.64 -15.60
N THR A 140 17.92 -10.26 -15.23
CA THR A 140 16.69 -10.91 -15.71
C THR A 140 16.02 -9.95 -16.68
N PRO A 141 15.65 -10.40 -17.90
CA PRO A 141 14.82 -9.57 -18.79
C PRO A 141 13.46 -9.26 -18.14
N TYR A 142 13.00 -8.04 -18.40
CA TYR A 142 11.73 -7.46 -17.90
C TYR A 142 10.64 -8.52 -17.88
N THR A 143 10.35 -9.17 -19.00
CA THR A 143 9.13 -10.02 -19.07
C THR A 143 9.33 -11.24 -18.19
N GLN A 144 10.58 -11.65 -17.91
CA GLN A 144 10.90 -12.87 -17.13
C GLN A 144 10.94 -12.53 -15.64
N ASP A 145 10.86 -11.26 -15.30
CA ASP A 145 10.85 -10.83 -13.89
C ASP A 145 9.41 -10.64 -13.42
N LYS A 146 8.40 -10.90 -14.24
CA LYS A 146 6.98 -10.64 -13.88
C LYS A 146 6.51 -11.62 -12.80
N HIS A 147 5.89 -11.08 -11.76
CA HIS A 147 5.17 -11.84 -10.71
C HIS A 147 3.67 -11.62 -10.90
N ARG A 148 2.91 -12.71 -10.99
CA ARG A 148 1.45 -12.66 -11.27
C ARG A 148 0.64 -13.16 -10.09
N GLY A 149 -0.56 -12.68 -10.02
CA GLY A 149 -1.59 -13.26 -9.14
C GLY A 149 -2.49 -14.18 -9.90
N LYS A 150 -3.31 -14.91 -9.14
CA LYS A 150 -4.30 -15.85 -9.72
C LYS A 150 -5.69 -15.23 -9.70
N SER A 151 -6.01 -14.51 -8.62
CA SER A 151 -7.36 -13.95 -8.42
C SER A 151 -7.24 -12.57 -7.77
N SER A 152 -8.20 -11.71 -8.05
CA SER A 152 -8.39 -10.43 -7.31
C SER A 152 -9.86 -10.25 -6.99
N TYR A 153 -10.12 -9.58 -5.89
CA TYR A 153 -11.50 -9.43 -5.41
C TYR A 153 -11.61 -8.19 -4.53
N ASN A 154 -12.84 -7.70 -4.48
CA ASN A 154 -13.22 -6.73 -3.44
C ASN A 154 -13.60 -7.50 -2.19
N VAL A 155 -13.22 -7.00 -1.04
CA VAL A 155 -13.60 -7.61 0.25
C VAL A 155 -14.90 -6.97 0.73
N LYS A 156 -15.78 -7.77 1.30
CA LYS A 156 -17.07 -7.33 1.88
C LYS A 156 -16.82 -6.15 2.83
N ASN A 157 -17.72 -5.17 2.80
CA ASN A 157 -17.74 -4.03 3.72
C ASN A 157 -18.24 -4.51 5.07
N ASP A 158 -17.47 -5.36 5.73
CA ASP A 158 -17.82 -5.95 7.04
C ASP A 158 -16.51 -6.11 7.83
N GLU A 159 -16.45 -5.53 9.03
CA GLU A 159 -15.23 -5.51 9.88
C GLU A 159 -14.65 -6.93 10.04
N LYS A 160 -15.48 -7.88 10.46
CA LYS A 160 -15.00 -9.26 10.70
C LYS A 160 -14.53 -9.92 9.39
N ALA A 161 -15.18 -9.68 8.27
CA ALA A 161 -14.74 -10.24 6.98
C ALA A 161 -13.33 -9.70 6.68
N ILE A 162 -13.11 -8.42 6.89
CA ILE A 162 -11.79 -7.79 6.60
C ILE A 162 -10.75 -8.37 7.54
N GLN A 163 -11.05 -8.50 8.83
CA GLN A 163 -10.09 -9.10 9.78
C GLN A 163 -9.74 -10.52 9.36
N LYS A 164 -10.73 -11.31 8.95
CA LYS A 164 -10.45 -12.71 8.57
C LYS A 164 -9.57 -12.75 7.32
N GLU A 165 -9.84 -11.89 6.34
CA GLU A 165 -9.08 -11.84 5.08
C GLU A 165 -7.61 -11.54 5.40
N ILE A 166 -7.37 -10.54 6.25
CA ILE A 166 -6.00 -10.10 6.58
C ILE A 166 -5.28 -11.24 7.32
N MET A 167 -5.92 -11.80 8.33
CA MET A 167 -5.20 -12.79 9.16
CA MET A 167 -5.30 -12.84 9.19
C MET A 167 -4.98 -14.09 8.37
N LYS A 168 -5.83 -14.42 7.39
CA LYS A 168 -5.59 -15.68 6.66
C LYS A 168 -4.65 -15.49 5.44
N TYR A 169 -4.83 -14.42 4.68
CA TYR A 169 -4.20 -14.25 3.36
C TYR A 169 -3.26 -13.05 3.32
N GLY A 170 -3.27 -12.16 4.31
CA GLY A 170 -2.25 -11.08 4.38
C GLY A 170 -2.84 -9.68 4.25
N PRO A 171 -1.98 -8.65 4.36
CA PRO A 171 -2.38 -7.25 4.23
C PRO A 171 -3.21 -7.02 2.96
N VAL A 172 -4.09 -6.03 3.03
CA VAL A 172 -5.07 -5.69 1.96
C VAL A 172 -4.81 -4.23 1.58
N GLU A 173 -5.19 -3.89 0.37
CA GLU A 173 -5.25 -2.47 -0.03
C GLU A 173 -6.62 -1.92 0.34
N ALA A 174 -6.68 -0.64 0.73
CA ALA A 174 -7.97 -0.04 1.08
C ALA A 174 -7.98 1.46 0.71
N GLY A 175 -9.11 1.95 0.23
CA GLY A 175 -9.27 3.37 -0.04
C GLY A 175 -10.03 4.03 1.08
N PHE A 176 -9.81 5.32 1.26
CA PHE A 176 -10.57 6.10 2.26
C PHE A 176 -10.62 7.55 1.79
N THR A 177 -11.53 8.29 2.39
CA THR A 177 -11.70 9.73 2.08
C THR A 177 -10.74 10.54 2.95
N VAL A 178 -9.90 11.34 2.30
CA VAL A 178 -8.95 12.25 2.97
C VAL A 178 -9.66 13.58 3.21
N TYR A 179 -9.73 13.97 4.47
CA TYR A 179 -10.18 15.31 4.92
C TYR A 179 -8.95 16.10 5.36
N GLU A 180 -9.04 17.43 5.38
CA GLU A 180 -7.83 18.27 5.60
C GLU A 180 -7.14 17.90 6.92
N ASP A 181 -7.87 17.47 7.94
CA ASP A 181 -7.22 17.19 9.25
C ASP A 181 -6.31 15.96 9.17
N PHE A 182 -6.48 15.10 8.19
CA PHE A 182 -5.59 13.92 8.02
C PHE A 182 -4.12 14.39 7.80
N LEU A 183 -3.98 15.55 7.16
CA LEU A 183 -2.64 16.12 6.88
C LEU A 183 -1.96 16.59 8.14
N ASN A 184 -2.69 16.77 9.23
CA ASN A 184 -2.14 17.21 10.54
C ASN A 184 -1.81 16.00 11.40
N TYR A 185 -2.04 14.78 10.90
CA TYR A 185 -1.87 13.57 11.74
C TYR A 185 -0.39 13.44 12.14
N LYS A 186 -0.13 13.31 13.44
CA LYS A 186 1.23 13.00 13.93
C LYS A 186 1.25 11.61 14.55
N SER A 187 0.26 11.26 15.37
CA SER A 187 0.20 9.98 16.08
C SER A 187 -1.20 9.76 16.60
N GLY A 188 -1.43 8.56 17.09
CA GLY A 188 -2.67 8.13 17.74
C GLY A 188 -3.70 7.60 16.77
N ILE A 189 -4.94 7.57 17.22
CA ILE A 189 -6.06 6.95 16.47
C ILE A 189 -6.82 8.05 15.73
N TYR A 190 -6.63 8.11 14.42
CA TYR A 190 -7.26 9.13 13.55
C TYR A 190 -8.78 8.92 13.53
N LYS A 191 -9.53 10.02 13.64
CA LYS A 191 -10.88 10.11 13.04
C LYS A 191 -11.08 11.51 12.43
N HIS A 192 -12.00 11.64 11.49
CA HIS A 192 -12.27 12.94 10.84
C HIS A 192 -13.02 13.80 11.86
N ILE A 193 -12.43 14.93 12.22
CA ILE A 193 -13.02 15.91 13.17
C ILE A 193 -13.21 17.27 12.48
N THR A 194 -12.23 17.73 11.70
CA THR A 194 -12.29 19.03 11.03
C THR A 194 -11.86 18.93 9.59
N GLY A 195 -12.28 19.89 8.77
CA GLY A 195 -11.70 20.02 7.44
C GLY A 195 -12.58 19.47 6.35
N GLU A 196 -12.42 19.98 5.14
CA GLU A 196 -13.20 19.53 3.97
C GLU A 196 -12.44 18.41 3.26
N THR A 197 -13.11 17.74 2.35
CA THR A 197 -12.51 16.64 1.58
C THR A 197 -11.36 17.15 0.73
N LEU A 198 -10.26 16.39 0.65
CA LEU A 198 -9.20 16.61 -0.37
C LEU A 198 -9.18 15.47 -1.38
N GLY A 199 -10.10 14.53 -1.28
CA GLY A 199 -10.14 13.46 -2.29
C GLY A 199 -9.98 12.12 -1.62
N GLY A 200 -9.35 11.19 -2.32
CA GLY A 200 -9.18 9.81 -1.86
C GLY A 200 -7.72 9.43 -1.71
N HIS A 201 -7.47 8.49 -0.80
CA HIS A 201 -6.11 7.95 -0.57
C HIS A 201 -6.23 6.44 -0.49
N ALA A 202 -5.22 5.72 -0.93
CA ALA A 202 -5.16 4.26 -0.96
C ALA A 202 -3.99 3.84 -0.09
N ILE A 203 -4.20 2.95 0.85
CA ILE A 203 -3.19 2.53 1.84
C ILE A 203 -3.23 1.01 2.00
N ARG A 204 -2.42 0.50 2.93
CA ARG A 204 -2.27 -0.94 3.19
C ARG A 204 -2.67 -1.19 4.63
N ILE A 205 -3.69 -2.00 4.85
CA ILE A 205 -4.10 -2.39 6.23
C ILE A 205 -3.33 -3.66 6.58
N ILE A 206 -2.56 -3.63 7.66
CA ILE A 206 -1.72 -4.78 8.09
C ILE A 206 -2.25 -5.41 9.36
N GLY A 207 -3.20 -4.79 10.03
CA GLY A 207 -3.69 -5.39 11.27
C GLY A 207 -4.62 -4.48 12.03
N TRP A 208 -4.79 -4.75 13.32
CA TRP A 208 -5.81 -4.08 14.15
C TRP A 208 -5.43 -4.21 15.60
N GLY A 209 -6.05 -3.37 16.42
CA GLY A 209 -5.83 -3.47 17.85
C GLY A 209 -6.83 -2.59 18.56
N VAL A 210 -6.60 -2.43 19.85
CA VAL A 210 -7.49 -1.60 20.69
C VAL A 210 -6.61 -0.87 21.70
N GLU A 211 -6.90 0.39 21.97
CA GLU A 211 -6.13 1.08 23.00
C GLU A 211 -7.11 1.94 23.78
N ASN A 212 -7.12 1.81 25.12
CA ASN A 212 -8.04 2.58 26.00
C ASN A 212 -9.48 2.33 25.52
N LYS A 213 -9.76 1.09 25.11
CA LYS A 213 -11.10 0.62 24.68
C LYS A 213 -11.47 1.09 23.27
N ALA A 214 -10.62 1.85 22.60
CA ALA A 214 -10.83 2.36 21.23
C ALA A 214 -10.28 1.37 20.20
N PRO A 215 -11.15 0.74 19.38
CA PRO A 215 -10.69 -0.18 18.34
C PRO A 215 -10.13 0.59 17.15
N TYR A 216 -9.08 0.05 16.53
CA TYR A 216 -8.39 0.72 15.40
C TYR A 216 -7.95 -0.32 14.39
N TRP A 217 -7.72 0.20 13.19
CA TRP A 217 -6.97 -0.51 12.13
C TRP A 217 -5.54 -0.01 12.20
N LEU A 218 -4.58 -0.88 11.91
CA LEU A 218 -3.14 -0.49 11.82
C LEU A 218 -2.79 -0.45 10.33
N ILE A 219 -2.36 0.70 9.85
CA ILE A 219 -2.19 0.96 8.40
C ILE A 219 -0.79 1.46 8.11
N ALA A 220 -0.23 0.95 7.00
CA ALA A 220 1.01 1.47 6.42
C ALA A 220 0.67 2.55 5.41
N ASN A 221 1.15 3.75 5.62
CA ASN A 221 1.05 4.82 4.61
C ASN A 221 2.25 4.70 3.68
N SER A 222 2.26 5.42 2.56
CA SER A 222 3.36 5.44 1.56
C SER A 222 3.95 6.86 1.51
N TRP A 223 4.14 7.50 2.68
CA TRP A 223 4.67 8.89 2.79
C TRP A 223 6.00 8.89 3.59
N ASN A 224 6.73 7.78 3.56
CA ASN A 224 8.03 7.56 4.23
C ASN A 224 7.87 7.48 5.74
N GLU A 225 8.96 7.12 6.42
CA GLU A 225 8.97 6.75 7.87
C GLU A 225 8.82 7.99 8.76
N ASP A 226 9.06 9.20 8.27
CA ASP A 226 8.94 10.41 9.12
C ASP A 226 7.45 10.71 9.34
N TRP A 227 6.59 10.29 8.42
CA TRP A 227 5.15 10.58 8.52
C TRP A 227 4.50 9.69 9.57
N GLY A 228 3.67 10.26 10.45
CA GLY A 228 2.84 9.50 11.40
C GLY A 228 3.72 8.69 12.34
N GLU A 229 3.32 7.45 12.64
CA GLU A 229 3.96 6.56 13.63
C GLU A 229 5.00 5.71 12.88
N ASN A 230 6.18 6.29 12.63
N ASN A 230 6.14 6.33 12.57
CA ASN A 230 7.28 5.66 11.83
CA ASN A 230 7.24 5.67 11.83
C ASN A 230 6.72 5.18 10.48
C ASN A 230 6.70 5.18 10.47
N GLY A 231 5.76 5.92 9.88
CA GLY A 231 5.24 5.64 8.52
C GLY A 231 3.87 5.00 8.52
N TYR A 232 3.39 4.63 9.68
CA TYR A 232 2.10 3.96 9.96
C TYR A 232 1.10 4.95 10.56
N PHE A 233 -0.17 4.61 10.52
CA PHE A 233 -1.19 5.33 11.30
C PHE A 233 -2.21 4.32 11.76
N ARG A 234 -2.99 4.76 12.73
CA ARG A 234 -4.13 4.01 13.22
C ARG A 234 -5.36 4.86 12.94
N ILE A 235 -6.49 4.20 12.71
CA ILE A 235 -7.78 4.84 12.38
C ILE A 235 -8.89 4.05 13.05
N VAL A 236 -9.89 4.75 13.53
CA VAL A 236 -11.05 4.12 14.21
C VAL A 236 -11.54 2.94 13.35
N ARG A 237 -11.80 1.82 14.00
CA ARG A 237 -12.30 0.58 13.37
C ARG A 237 -13.73 0.28 13.80
N GLY A 238 -14.55 -0.14 12.84
CA GLY A 238 -15.92 -0.67 13.09
C GLY A 238 -17.08 0.28 12.72
N ARG A 239 -16.79 1.52 12.32
N ARG A 239 -16.75 1.51 12.30
N ARG A 239 -16.75 1.52 12.31
CA ARG A 239 -17.87 2.50 12.01
CA ARG A 239 -17.75 2.58 12.07
CA ARG A 239 -17.76 2.58 12.07
C ARG A 239 -17.68 3.09 10.62
C ARG A 239 -17.63 3.12 10.64
C ARG A 239 -17.62 3.12 10.64
N ASP A 240 -16.96 2.37 9.77
CA ASP A 240 -16.67 2.79 8.37
C ASP A 240 -16.15 4.23 8.33
N GLU A 241 -15.26 4.55 9.26
CA GLU A 241 -14.64 5.89 9.35
C GLU A 241 -14.00 6.26 8.01
N CYS A 242 -14.43 7.37 7.41
CA CYS A 242 -13.85 7.86 6.15
C CYS A 242 -13.93 6.77 5.08
N SER A 243 -14.93 5.89 5.18
CA SER A 243 -15.19 4.78 4.21
C SER A 243 -14.03 3.77 4.22
N ILE A 244 -13.33 3.61 5.33
CA ILE A 244 -12.12 2.71 5.41
C ILE A 244 -12.52 1.25 5.25
N GLU A 245 -13.74 0.85 5.59
CA GLU A 245 -14.17 -0.56 5.47
C GLU A 245 -14.91 -0.81 4.16
N SER A 246 -14.98 0.16 3.24
CA SER A 246 -15.89 0.07 2.08
C SER A 246 -15.14 -0.02 0.75
N GLU A 247 -13.83 0.12 0.72
CA GLU A 247 -13.07 0.09 -0.57
CA GLU A 247 -13.08 0.10 -0.58
C GLU A 247 -11.86 -0.83 -0.40
N VAL A 248 -12.07 -1.96 0.25
CA VAL A 248 -10.97 -2.95 0.48
C VAL A 248 -10.86 -3.88 -0.74
N THR A 249 -9.66 -4.01 -1.29
CA THR A 249 -9.36 -4.89 -2.44
C THR A 249 -8.12 -5.73 -2.15
N ALA A 250 -8.10 -6.97 -2.61
CA ALA A 250 -6.90 -7.81 -2.49
C ALA A 250 -6.97 -8.92 -3.52
N GLY A 251 -6.23 -9.99 -3.28
CA GLY A 251 -6.04 -11.01 -4.31
C GLY A 251 -5.09 -12.06 -3.81
N ARG A 252 -4.97 -13.16 -4.54
N ARG A 252 -5.01 -13.18 -4.53
CA ARG A 252 -4.19 -14.32 -4.09
CA ARG A 252 -4.31 -14.41 -4.08
C ARG A 252 -3.36 -14.84 -5.25
C ARG A 252 -3.42 -14.91 -5.23
N ILE A 253 -2.24 -15.47 -4.93
CA ILE A 253 -1.37 -16.07 -6.00
C ILE A 253 -1.88 -17.47 -6.32
N ASN A 254 -2.73 -18.06 -5.51
CA ASN A 254 -3.18 -19.46 -5.69
C ASN A 254 -4.62 -19.61 -5.16
#